data_1NWQ
#
_entry.id   1NWQ
#
_cell.length_a   140.892
_cell.length_b   53.089
_cell.length_c   67.406
_cell.angle_alpha   90.00
_cell.angle_beta   90.00
_cell.angle_gamma   90.00
#
_symmetry.space_group_name_H-M   'P 21 21 2'
#
loop_
_entity.id
_entity.type
_entity.pdbx_description
1 polymer "5'-D(*TP*TP*CP*CP*TP*AP*TP*TP*GP*CP*GP*CP*AP*AP*TP*CP*CP*AP*GP*TP*T)-3'"
2 polymer "5'-D(*AP*AP*AP*CP*TP*GP*GP*AP*TP*TP*GP*CP*GP*CP*AP*AP*TP*AP*GP*GP*A)-3'"
3 polymer 'CCAAT/enhancer binding protein alpha'
4 water water
#
loop_
_entity_poly.entity_id
_entity_poly.type
_entity_poly.pdbx_seq_one_letter_code
_entity_poly.pdbx_strand_id
1 'polydeoxyribonucleotide'
;(DT)(DT)(DC)(DC)(DT)(DA)(DT)(DT)(DG)(DC)(DG)(DC)(DA)(DA)(DT)(DC)(DC)(DA)(DG)(DT)
(DT)
;
B
2 'polydeoxyribonucleotide'
;(DA)(DA)(DA)(DC)(DT)(DG)(DG)(DA)(DT)(DT)(DG)(DC)(DG)(DC)(DA)(DA)(DT)(DA)(DG)(DG)
(DA)
;
D
3 'polypeptide(L)' GSNSNEYRVRRERNNIAVRKSRDKAKQRNVETQQKVLELTSDNDRLRKRVEQLSRELDTLRG A,C
#
loop_
_chem_comp.id
_chem_comp.type
_chem_comp.name
_chem_comp.formula
DA DNA linking 2'-DEOXYADENOSINE-5'-MONOPHOSPHATE 'C10 H14 N5 O6 P'
DC DNA linking 2'-DEOXYCYTIDINE-5'-MONOPHOSPHATE 'C9 H14 N3 O7 P'
DG DNA linking 2'-DEOXYGUANOSINE-5'-MONOPHOSPHATE 'C10 H14 N5 O7 P'
DT DNA linking THYMIDINE-5'-MONOPHOSPHATE 'C10 H15 N2 O8 P'
#
# COMPACT_ATOMS: atom_id res chain seq x y z
N ASN C 3 29.90 32.11 -15.55
CA ASN C 3 29.01 30.89 -15.58
C ASN C 3 27.75 30.98 -14.67
N SER C 4 27.56 32.14 -14.04
CA SER C 4 26.38 32.42 -13.20
C SER C 4 25.31 32.50 -14.28
N ASN C 5 25.80 32.57 -15.53
CA ASN C 5 25.00 32.63 -16.76
C ASN C 5 24.38 31.24 -17.06
N GLU C 6 24.78 30.28 -16.22
CA GLU C 6 24.30 28.91 -16.32
C GLU C 6 23.25 28.69 -15.24
N TYR C 7 23.47 29.26 -14.06
CA TYR C 7 22.51 29.13 -12.97
C TYR C 7 21.05 28.86 -13.36
N ARG C 8 20.34 29.93 -13.68
CA ARG C 8 18.95 29.83 -14.08
C ARG C 8 18.60 28.64 -14.96
N VAL C 9 19.18 28.69 -16.14
CA VAL C 9 19.02 27.68 -17.15
C VAL C 9 19.13 26.33 -16.53
N ARG C 10 20.03 26.21 -15.55
CA ARG C 10 20.24 24.94 -14.86
C ARG C 10 19.09 24.73 -13.90
N ARG C 11 18.66 25.78 -13.19
CA ARG C 11 17.52 25.63 -12.28
C ARG C 11 16.29 25.01 -12.90
N GLU C 12 15.87 25.64 -13.98
CA GLU C 12 14.72 25.24 -14.72
C GLU C 12 14.96 23.86 -15.21
N ARG C 13 16.16 23.62 -15.67
CA ARG C 13 16.48 22.28 -16.12
C ARG C 13 16.18 21.40 -14.89
N ASN C 14 16.32 21.97 -13.71
CA ASN C 14 16.06 21.18 -12.53
C ASN C 14 14.60 21.10 -12.15
N ASN C 15 13.96 22.26 -11.99
CA ASN C 15 12.52 22.32 -11.62
C ASN C 15 11.63 21.52 -12.48
N ILE C 16 12.20 20.97 -13.54
CA ILE C 16 11.41 20.22 -14.44
C ILE C 16 11.69 18.83 -14.18
N ALA C 17 12.92 18.56 -13.79
CA ALA C 17 13.33 17.20 -13.48
C ALA C 17 12.68 16.85 -12.16
N VAL C 18 12.49 17.87 -11.35
CA VAL C 18 11.84 17.64 -10.09
C VAL C 18 10.41 17.25 -10.36
N ARG C 19 9.67 18.22 -10.87
CA ARG C 19 8.32 17.99 -11.19
C ARG C 19 8.21 16.55 -11.72
N LYS C 20 9.02 16.19 -12.70
CA LYS C 20 8.92 14.83 -13.25
C LYS C 20 9.03 13.77 -12.17
N SER C 21 10.17 13.72 -11.46
CA SER C 21 10.35 12.71 -10.46
C SER C 21 9.12 12.58 -9.61
N ARG C 22 8.75 13.68 -8.98
CA ARG C 22 7.58 13.67 -8.14
C ARG C 22 6.44 13.05 -8.90
N ASP C 23 5.92 13.71 -9.93
CA ASP C 23 4.84 13.10 -10.68
C ASP C 23 4.99 11.57 -10.78
N LYS C 24 6.20 11.07 -11.08
CA LYS C 24 6.41 9.64 -11.23
C LYS C 24 6.00 8.96 -9.94
N ALA C 25 6.71 9.31 -8.85
CA ALA C 25 6.42 8.81 -7.52
C ALA C 25 4.93 8.72 -7.25
N LYS C 26 4.29 9.87 -7.17
CA LYS C 26 2.86 9.92 -6.94
C LYS C 26 2.25 8.79 -7.73
N GLN C 27 2.51 8.73 -9.03
CA GLN C 27 1.91 7.63 -9.75
C GLN C 27 2.31 6.25 -9.28
N ARG C 28 3.57 6.05 -8.91
CA ARG C 28 3.91 4.72 -8.48
C ARG C 28 3.14 4.37 -7.24
N ASN C 29 2.72 5.38 -6.47
CA ASN C 29 1.94 5.07 -5.29
C ASN C 29 0.62 4.62 -5.65
N VAL C 30 -0.04 5.45 -6.41
CA VAL C 30 -1.32 5.09 -6.93
C VAL C 30 -1.33 3.60 -7.30
N GLU C 31 -0.41 3.19 -8.14
CA GLU C 31 -0.37 1.82 -8.57
C GLU C 31 -0.30 0.88 -7.39
N THR C 32 0.68 1.10 -6.55
CA THR C 32 0.87 0.32 -5.34
C THR C 32 -0.45 0.35 -4.55
N GLN C 33 -0.91 1.55 -4.30
CA GLN C 33 -2.16 1.76 -3.59
C GLN C 33 -3.20 0.79 -4.15
N GLN C 34 -3.34 0.85 -5.46
CA GLN C 34 -4.27 0.03 -6.22
C GLN C 34 -4.10 -1.47 -5.93
N LYS C 35 -2.89 -1.99 -6.10
CA LYS C 35 -2.66 -3.39 -5.84
C LYS C 35 -3.20 -3.79 -4.45
N VAL C 36 -3.04 -2.94 -3.46
CA VAL C 36 -3.59 -3.27 -2.18
C VAL C 36 -5.05 -3.67 -2.33
N LEU C 37 -5.86 -2.88 -3.02
CA LEU C 37 -7.28 -3.21 -3.18
C LEU C 37 -7.38 -4.50 -3.93
N GLU C 38 -6.58 -4.71 -4.96
CA GLU C 38 -6.63 -5.99 -5.69
C GLU C 38 -6.30 -7.18 -4.76
N LEU C 39 -5.38 -6.96 -3.83
CA LEU C 39 -5.04 -8.03 -2.95
C LEU C 39 -6.12 -8.19 -1.91
N THR C 40 -6.69 -7.10 -1.46
CA THR C 40 -7.73 -7.28 -0.48
C THR C 40 -8.96 -7.97 -1.07
N SER C 41 -9.05 -7.94 -2.39
CA SER C 41 -10.15 -8.55 -3.09
C SER C 41 -9.81 -10.02 -2.97
N ASP C 42 -8.75 -10.44 -3.63
CA ASP C 42 -8.40 -11.84 -3.50
C ASP C 42 -8.56 -12.34 -2.06
N ASN C 43 -7.99 -11.61 -1.12
CA ASN C 43 -8.09 -12.06 0.20
C ASN C 43 -9.50 -12.43 0.65
N ASP C 44 -10.42 -11.47 0.80
CA ASP C 44 -11.74 -11.87 1.25
C ASP C 44 -12.26 -13.01 0.43
N ARG C 45 -12.05 -12.93 -0.87
CA ARG C 45 -12.45 -14.05 -1.71
C ARG C 45 -12.05 -15.33 -0.89
N LEU C 46 -10.75 -15.54 -0.67
CA LEU C 46 -10.26 -16.71 0.04
C LEU C 46 -10.84 -16.91 1.47
N ARG C 47 -10.79 -15.90 2.34
CA ARG C 47 -11.38 -16.09 3.65
C ARG C 47 -12.76 -16.74 3.44
N LYS C 48 -13.66 -16.12 2.67
CA LYS C 48 -15.00 -16.72 2.47
C LYS C 48 -14.91 -18.15 1.92
N ARG C 49 -14.12 -18.33 0.87
CA ARG C 49 -13.95 -19.66 0.29
C ARG C 49 -13.58 -20.70 1.33
N VAL C 50 -12.56 -20.38 2.12
CA VAL C 50 -12.09 -21.30 3.15
C VAL C 50 -13.18 -21.54 4.15
N GLU C 51 -13.80 -20.45 4.56
CA GLU C 51 -14.90 -20.54 5.49
C GLU C 51 -15.81 -21.60 4.91
N GLN C 52 -16.15 -21.45 3.63
CA GLN C 52 -17.04 -22.40 2.96
C GLN C 52 -16.59 -23.82 3.11
N LEU C 53 -15.45 -24.18 2.49
CA LEU C 53 -14.96 -25.53 2.64
C LEU C 53 -15.12 -26.00 4.10
N SER C 54 -14.71 -25.19 5.08
CA SER C 54 -14.86 -25.58 6.46
C SER C 54 -16.28 -25.94 6.81
N ARG C 55 -17.22 -25.05 6.59
CA ARG C 55 -18.62 -25.36 6.83
C ARG C 55 -18.93 -26.75 6.22
N GLU C 56 -18.36 -27.01 5.05
CA GLU C 56 -18.58 -28.25 4.37
C GLU C 56 -18.12 -29.45 5.18
N LEU C 57 -16.84 -29.58 5.52
CA LEU C 57 -16.46 -30.75 6.31
C LEU C 57 -17.16 -30.71 7.66
N ASP C 58 -17.36 -29.53 8.22
CA ASP C 58 -18.07 -29.47 9.48
C ASP C 58 -19.47 -30.08 9.29
N THR C 59 -20.04 -29.89 8.11
CA THR C 59 -21.33 -30.47 7.82
C THR C 59 -21.09 -31.96 7.64
N LEU C 60 -20.45 -32.29 6.52
CA LEU C 60 -20.14 -33.66 6.21
C LEU C 60 -19.79 -34.41 7.51
N ARG C 61 -18.55 -34.41 7.96
CA ARG C 61 -18.17 -35.16 9.19
C ARG C 61 -19.08 -35.14 10.44
N GLY C 62 -19.00 -34.05 11.21
CA GLY C 62 -19.75 -33.93 12.46
C GLY C 62 -21.27 -33.81 12.59
N ASN D 3 2.68 43.32 12.63
CA ASN D 3 4.04 42.99 13.22
C ASN D 3 4.84 42.07 12.29
N SER D 4 6.12 41.91 12.59
CA SER D 4 7.01 41.08 11.79
C SER D 4 7.11 39.70 12.39
N ASN D 5 7.77 39.58 13.54
CA ASN D 5 7.88 38.30 14.22
C ASN D 5 6.48 37.65 14.17
N GLU D 6 5.45 38.50 14.11
CA GLU D 6 4.07 38.04 14.01
C GLU D 6 4.12 36.98 12.91
N TYR D 7 4.53 37.42 11.73
CA TYR D 7 4.74 36.63 10.52
C TYR D 7 5.76 35.50 10.76
N ARG D 8 7.01 35.83 11.05
CA ARG D 8 7.98 34.80 11.22
C ARG D 8 7.60 33.69 12.19
N VAL D 9 6.68 33.96 13.07
CA VAL D 9 6.30 32.90 13.96
C VAL D 9 5.18 32.06 13.33
N ARG D 10 4.28 32.73 12.59
CA ARG D 10 3.23 32.00 11.95
C ARG D 10 3.96 31.12 10.93
N ARG D 11 5.13 31.57 10.45
CA ARG D 11 5.88 30.75 9.51
C ARG D 11 6.35 29.50 10.24
N GLU D 12 7.17 29.75 11.24
CA GLU D 12 7.70 28.71 12.09
C GLU D 12 6.63 27.64 12.28
N ARG D 13 5.46 28.08 12.73
CA ARG D 13 4.36 27.15 12.94
C ARG D 13 4.10 26.28 11.74
N ASN D 14 3.89 26.90 10.60
CA ASN D 14 3.56 26.14 9.44
C ASN D 14 4.65 25.23 8.97
N ASN D 15 5.91 25.66 9.13
CA ASN D 15 7.00 24.80 8.68
C ASN D 15 6.93 23.52 9.39
N ILE D 16 6.47 23.56 10.64
CA ILE D 16 6.38 22.31 11.34
C ILE D 16 5.19 21.48 10.93
N ALA D 17 4.05 22.11 10.79
CA ALA D 17 2.91 21.33 10.34
C ALA D 17 3.35 20.64 9.07
N VAL D 18 4.06 21.38 8.24
CA VAL D 18 4.55 20.83 7.00
C VAL D 18 5.49 19.64 7.27
N ARG D 19 6.48 19.78 8.14
CA ARG D 19 7.32 18.64 8.40
C ARG D 19 6.46 17.47 8.87
N LYS D 20 5.79 17.67 10.00
CA LYS D 20 4.93 16.61 10.49
C LYS D 20 4.16 15.86 9.42
N SER D 21 3.26 16.61 8.76
CA SER D 21 2.45 16.10 7.69
C SER D 21 3.23 15.43 6.58
N ARG D 22 4.45 15.85 6.34
CA ARG D 22 5.13 15.16 5.30
C ARG D 22 5.58 13.85 5.85
N ASP D 23 6.09 13.82 7.09
CA ASP D 23 6.53 12.53 7.64
C ASP D 23 5.35 11.58 7.74
N LYS D 24 4.21 12.02 8.27
CA LYS D 24 3.08 11.11 8.34
C LYS D 24 2.77 10.48 7.00
N ALA D 25 3.08 11.19 5.93
CA ALA D 25 2.86 10.62 4.62
C ALA D 25 3.98 9.66 4.24
N LYS D 26 5.23 10.02 4.50
CA LYS D 26 6.33 9.09 4.22
C LYS D 26 5.77 7.82 4.87
N GLN D 27 5.36 7.95 6.12
CA GLN D 27 4.77 6.86 6.87
C GLN D 27 3.76 6.00 6.14
N ARG D 28 2.53 6.50 6.09
CA ARG D 28 1.44 5.84 5.38
C ARG D 28 2.04 5.15 4.21
N ASN D 29 2.93 5.79 3.50
CA ASN D 29 3.52 5.16 2.34
C ASN D 29 4.27 3.90 2.57
N VAL D 30 4.82 3.77 3.75
CA VAL D 30 5.51 2.55 4.05
C VAL D 30 4.47 1.58 4.43
N GLU D 31 3.79 1.89 5.53
CA GLU D 31 2.68 1.09 6.03
C GLU D 31 2.13 0.22 4.90
N THR D 32 1.73 0.91 3.84
CA THR D 32 1.22 0.31 2.63
C THR D 32 2.18 -0.73 2.09
N GLN D 33 3.44 -0.37 1.84
CA GLN D 33 4.43 -1.38 1.40
C GLN D 33 4.35 -2.63 2.21
N GLN D 34 4.52 -2.49 3.52
CA GLN D 34 4.40 -3.60 4.46
C GLN D 34 3.14 -4.41 4.15
N LYS D 35 2.00 -3.73 4.21
CA LYS D 35 0.73 -4.34 3.92
C LYS D 35 0.72 -5.05 2.53
N VAL D 36 1.25 -4.42 1.51
CA VAL D 36 1.23 -5.14 0.25
C VAL D 36 2.03 -6.38 0.40
N LEU D 37 2.69 -6.58 1.53
CA LEU D 37 3.47 -7.80 1.64
C LEU D 37 2.84 -8.87 2.40
N GLU D 38 2.21 -8.46 3.50
CA GLU D 38 1.55 -9.39 4.36
C GLU D 38 0.42 -9.85 3.55
N LEU D 39 0.06 -9.02 2.58
CA LEU D 39 -1.06 -9.39 1.78
C LEU D 39 -0.69 -10.44 0.81
N THR D 40 0.42 -10.24 0.13
CA THR D 40 0.83 -11.23 -0.81
C THR D 40 1.05 -12.56 -0.09
N SER D 41 1.74 -12.54 1.04
CA SER D 41 1.99 -13.76 1.76
C SER D 41 0.69 -14.41 2.20
N ASP D 42 -0.13 -13.65 2.94
CA ASP D 42 -1.39 -14.14 3.46
C ASP D 42 -2.18 -14.76 2.35
N ASN D 43 -2.54 -13.99 1.33
CA ASN D 43 -3.30 -14.55 0.23
C ASN D 43 -2.70 -15.82 -0.25
N ASP D 44 -1.39 -15.83 -0.41
CA ASP D 44 -0.79 -17.06 -0.85
C ASP D 44 -0.93 -18.26 0.15
N ARG D 45 -0.68 -18.06 1.43
CA ARG D 45 -0.83 -19.21 2.34
C ARG D 45 -2.28 -19.56 2.46
N LEU D 46 -3.16 -18.73 1.90
CA LEU D 46 -4.58 -19.00 1.98
C LEU D 46 -4.97 -19.84 0.79
N ARG D 47 -4.23 -19.73 -0.31
CA ARG D 47 -4.66 -20.57 -1.40
C ARG D 47 -4.22 -21.96 -1.08
N LYS D 48 -3.06 -22.07 -0.45
CA LYS D 48 -2.56 -23.38 -0.10
C LYS D 48 -3.43 -24.03 0.95
N ARG D 49 -4.14 -23.21 1.71
CA ARG D 49 -5.02 -23.78 2.70
C ARG D 49 -6.29 -24.28 2.03
N VAL D 50 -6.77 -23.55 1.04
CA VAL D 50 -7.96 -24.01 0.35
C VAL D 50 -7.63 -25.37 -0.33
N GLU D 51 -6.49 -25.43 -1.03
CA GLU D 51 -6.02 -26.65 -1.71
C GLU D 51 -6.00 -27.79 -0.73
N GLN D 52 -5.27 -27.59 0.36
CA GLN D 52 -5.17 -28.58 1.41
C GLN D 52 -6.59 -28.95 1.85
N LEU D 53 -7.31 -28.01 2.42
CA LEU D 53 -8.66 -28.24 2.85
C LEU D 53 -9.55 -28.95 1.83
N SER D 54 -9.32 -28.70 0.55
CA SER D 54 -10.10 -29.40 -0.48
C SER D 54 -9.83 -30.93 -0.56
N ARG D 55 -8.58 -31.34 -0.85
CA ARG D 55 -8.21 -32.76 -0.97
C ARG D 55 -8.76 -33.54 0.19
N GLU D 56 -8.82 -32.86 1.34
CA GLU D 56 -9.36 -33.43 2.58
C GLU D 56 -10.82 -33.67 2.36
N LEU D 57 -11.38 -33.06 1.33
CA LEU D 57 -12.76 -33.30 1.07
C LEU D 57 -12.92 -34.34 -0.02
N ASP D 58 -12.22 -34.17 -1.15
CA ASP D 58 -12.31 -35.16 -2.24
C ASP D 58 -12.22 -36.54 -1.62
N THR D 59 -11.24 -36.64 -0.74
CA THR D 59 -10.91 -37.86 -0.04
C THR D 59 -11.83 -38.26 1.06
N LEU D 60 -12.42 -37.31 1.72
CA LEU D 60 -13.33 -37.70 2.78
C LEU D 60 -14.72 -37.90 2.17
N ARG D 61 -14.79 -38.23 0.88
CA ARG D 61 -16.08 -38.39 0.18
C ARG D 61 -16.18 -39.71 -0.54
N GLY D 62 -15.12 -40.04 -1.25
CA GLY D 62 -15.08 -41.29 -1.99
C GLY D 62 -14.37 -41.07 -3.32
#